data_8HUO
#
_entry.id   8HUO
#
_cell.length_a   39.473
_cell.length_b   93.625
_cell.length_c   96.667
_cell.angle_alpha   90.000
_cell.angle_beta   97.000
_cell.angle_gamma   90.000
#
_symmetry.space_group_name_H-M   'P 1 21 1'
#
loop_
_entity.id
_entity.type
_entity.pdbx_description
1 polymer 'Peroxisome proliferator-activated receptor delta'
2 non-polymer Seladelpar
#
_entity_poly.entity_id   1
_entity_poly.type   'polypeptide(L)'
_entity_poly.pdbx_seq_one_letter_code
;GSHMPQVADLKAFSKHIYNAYLKNFNMTKKKARSILTGKASHTAPFVIHDIETLWQAEKGLVWKQLVNGLPPYKEISVHV
FYRCQCTTVETVRELTEFAKSIPSFSSLFLNDQVTLLKYGVHEAIFAMLASIVNKDGLLVANGSGFVTREFLRSLRKPFS
DIIEPKFEFAVKFNALELDDSDLALFIAAIILCGDRPGLMNVPRVEAIQDTILRALEFHLQANHPDAQYLFPKLLQKMAD
LRQLVTEHAQMMQRIKKTETETSLHPLLQEIYKDMY
;
_entity_poly.pdbx_strand_id   A,B
#
# COMPACT_ATOMS: atom_id res chain seq x y z
N ASP A 9 24.26 -16.17 2.98
CA ASP A 9 23.12 -15.89 2.09
C ASP A 9 21.82 -16.29 2.76
N LEU A 10 21.75 -17.48 3.34
CA LEU A 10 20.57 -17.84 4.08
C LEU A 10 20.63 -17.33 5.52
N LYS A 11 21.82 -17.25 6.10
CA LYS A 11 21.96 -16.62 7.40
C LYS A 11 21.99 -15.11 7.29
N ALA A 12 22.43 -14.58 6.15
CA ALA A 12 22.26 -13.15 5.88
C ALA A 12 20.79 -12.80 5.86
N PHE A 13 19.95 -13.70 5.34
CA PHE A 13 18.51 -13.48 5.33
C PHE A 13 17.96 -13.36 6.76
N SER A 14 18.17 -14.40 7.59
CA SER A 14 17.65 -14.36 8.95
C SER A 14 18.23 -13.19 9.74
N LYS A 15 19.48 -12.82 9.47
CA LYS A 15 20.05 -11.66 10.15
C LYS A 15 19.33 -10.39 9.73
N HIS A 16 19.00 -10.25 8.45
CA HIS A 16 18.30 -9.07 7.98
C HIS A 16 16.91 -8.96 8.62
N ILE A 17 16.17 -10.07 8.64
CA ILE A 17 14.84 -10.08 9.26
C ILE A 17 14.95 -9.76 10.74
N TYR A 18 16.02 -10.24 11.38
CA TYR A 18 16.18 -10.00 12.82
C TYR A 18 16.46 -8.54 13.11
N ASN A 19 17.13 -7.85 12.19
CA ASN A 19 17.42 -6.44 12.40
C ASN A 19 16.17 -5.59 12.17
N ALA A 20 15.40 -5.90 11.12
CA ALA A 20 14.14 -5.18 10.89
C ALA A 20 13.21 -5.34 12.08
N TYR A 21 13.16 -6.54 12.68
CA TYR A 21 12.34 -6.77 13.86
C TYR A 21 12.82 -5.91 15.03
N LEU A 22 14.13 -5.92 15.30
CA LEU A 22 14.68 -5.11 16.38
C LEU A 22 14.44 -3.62 16.12
N LYS A 23 14.59 -3.21 14.87
CA LYS A 23 14.50 -1.81 14.47
C LYS A 23 13.09 -1.26 14.55
N ASN A 24 12.08 -2.10 14.42
CA ASN A 24 10.72 -1.63 14.19
C ASN A 24 9.75 -1.90 15.34
N PHE A 25 10.13 -2.72 16.32
CA PHE A 25 9.28 -3.02 17.47
C PHE A 25 9.96 -2.54 18.74
N ASN A 26 9.31 -1.61 19.46
CA ASN A 26 9.90 -1.05 20.66
C ASN A 26 9.98 -2.08 21.78
N MET A 27 8.96 -2.93 21.92
CA MET A 27 8.91 -3.94 22.98
C MET A 27 9.26 -5.30 22.39
N THR A 28 10.43 -5.81 22.78
CA THR A 28 10.89 -7.14 22.41
C THR A 28 10.61 -8.12 23.53
N LYS A 29 10.72 -9.41 23.22
CA LYS A 29 10.49 -10.41 24.26
C LYS A 29 11.62 -10.43 25.28
N LYS A 30 12.82 -9.97 24.90
CA LYS A 30 13.90 -9.82 25.85
C LYS A 30 13.58 -8.75 26.88
N LYS A 31 13.30 -7.53 26.42
CA LYS A 31 12.86 -6.49 27.34
C LYS A 31 11.71 -6.99 28.20
N ALA A 32 10.70 -7.59 27.56
CA ALA A 32 9.50 -7.98 28.29
C ALA A 32 9.80 -8.99 29.37
N ARG A 33 10.64 -9.98 29.07
CA ARG A 33 10.96 -11.00 30.07
C ARG A 33 11.88 -10.46 31.16
N SER A 34 12.66 -9.42 30.87
CA SER A 34 13.40 -8.75 31.93
C SER A 34 12.44 -8.15 32.95
N ILE A 35 11.42 -7.45 32.46
CA ILE A 35 10.52 -6.72 33.35
C ILE A 35 9.66 -7.69 34.14
N LEU A 36 9.15 -8.73 33.50
CA LEU A 36 8.26 -9.65 34.19
C LEU A 36 9.00 -10.43 35.27
N THR A 37 10.29 -10.68 35.09
CA THR A 37 11.03 -11.46 36.09
C THR A 37 11.50 -10.57 37.25
N GLY A 38 12.13 -9.45 36.94
CA GLY A 38 12.54 -8.51 37.96
C GLY A 38 13.98 -8.04 37.87
N LYS A 39 14.54 -7.97 36.65
CA LYS A 39 15.87 -7.42 36.48
C LYS A 39 15.86 -5.89 36.64
N ALA A 40 14.98 -5.21 35.90
CA ALA A 40 14.85 -3.76 36.02
C ALA A 40 16.13 -3.03 35.62
N ALA A 44 9.97 -1.81 38.30
CA ALA A 44 8.80 -2.68 38.36
C ALA A 44 7.53 -1.93 37.96
N PRO A 45 6.68 -2.58 37.16
CA PRO A 45 5.54 -1.88 36.57
C PRO A 45 4.41 -1.67 37.56
N PHE A 46 3.53 -0.71 37.22
CA PHE A 46 2.35 -0.45 38.05
C PHE A 46 1.24 -1.43 37.73
N VAL A 47 0.73 -2.10 38.76
CA VAL A 47 -0.28 -3.14 38.57
C VAL A 47 -1.65 -2.50 38.39
N ILE A 48 -2.32 -2.84 37.28
CA ILE A 48 -3.70 -2.42 37.02
C ILE A 48 -4.61 -3.61 37.25
N HIS A 49 -5.52 -3.52 38.23
CA HIS A 49 -6.38 -4.64 38.59
C HIS A 49 -7.79 -4.22 38.98
N ASP A 50 -8.19 -2.98 38.71
CA ASP A 50 -9.53 -2.49 39.01
C ASP A 50 -9.69 -1.04 38.58
N ILE A 51 -10.85 -0.45 38.84
CA ILE A 51 -11.12 0.89 38.35
C ILE A 51 -10.11 1.88 38.92
N GLU A 52 -9.92 1.87 40.24
CA GLU A 52 -9.00 2.81 40.87
C GLU A 52 -7.62 2.79 40.20
N THR A 53 -6.99 1.61 40.17
CA THR A 53 -5.60 1.53 39.67
C THR A 53 -5.51 1.85 38.18
N LEU A 54 -6.58 1.57 37.42
CA LEU A 54 -6.59 1.99 36.02
C LEU A 54 -6.59 3.51 35.92
N TRP A 55 -7.45 4.17 36.69
CA TRP A 55 -7.50 5.63 36.67
C TRP A 55 -6.14 6.23 37.04
N GLN A 56 -5.53 5.72 38.11
CA GLN A 56 -4.19 6.18 38.50
C GLN A 56 -3.20 6.04 37.35
N ALA A 57 -3.24 4.91 36.63
CA ALA A 57 -2.38 4.72 35.49
C ALA A 57 -2.78 5.62 34.32
N GLU A 58 -4.06 5.99 34.24
CA GLU A 58 -4.50 6.82 33.12
C GLU A 58 -4.04 8.26 33.26
N LYS A 59 -3.90 8.76 34.50
CA LYS A 59 -3.42 10.12 34.74
C LYS A 59 -2.00 10.26 34.20
N GLY A 60 -1.03 10.38 35.11
CA GLY A 60 0.37 10.25 34.74
C GLY A 60 0.80 8.81 34.95
N LEU A 61 1.65 8.58 35.96
CA LEU A 61 1.97 7.24 36.43
C LEU A 61 2.37 6.31 35.28
N VAL A 62 1.39 5.81 34.52
CA VAL A 62 1.65 4.92 33.40
C VAL A 62 1.56 5.69 32.08
N TRP A 63 0.37 6.22 31.79
CA TRP A 63 0.17 7.11 30.65
C TRP A 63 0.26 8.57 31.08
N LEU A 70 -8.82 9.34 22.61
CA LEU A 70 -9.77 8.30 23.02
C LEU A 70 -11.18 8.86 23.20
N PRO A 71 -12.20 8.09 22.81
CA PRO A 71 -13.59 8.55 22.95
C PRO A 71 -13.92 8.86 24.39
N PRO A 72 -15.05 9.53 24.64
CA PRO A 72 -15.42 9.86 26.01
C PRO A 72 -15.61 8.61 26.85
N TYR A 73 -15.11 8.68 28.10
CA TYR A 73 -15.21 7.56 29.03
C TYR A 73 -16.67 7.24 29.30
N LYS A 74 -17.09 6.02 28.95
CA LYS A 74 -18.44 5.56 29.20
C LYS A 74 -18.47 4.54 30.35
N GLU A 75 -17.97 3.33 30.14
CA GLU A 75 -17.87 2.34 31.21
C GLU A 75 -16.50 1.67 31.19
N ILE A 76 -16.25 0.82 32.18
CA ILE A 76 -14.95 0.19 32.30
C ILE A 76 -14.72 -0.81 31.17
N SER A 77 -15.69 -1.70 30.94
CA SER A 77 -15.49 -2.74 29.93
C SER A 77 -15.22 -2.15 28.56
N VAL A 78 -15.90 -1.05 28.22
CA VAL A 78 -15.69 -0.41 26.93
C VAL A 78 -14.42 0.40 26.93
N HIS A 79 -14.03 0.95 28.08
CA HIS A 79 -12.79 1.71 28.13
C HIS A 79 -11.59 0.82 27.82
N VAL A 80 -11.56 -0.37 28.40
CA VAL A 80 -10.50 -1.32 28.07
C VAL A 80 -10.54 -1.66 26.59
N PHE A 81 -11.73 -2.02 26.09
CA PHE A 81 -11.93 -2.29 24.67
C PHE A 81 -11.23 -1.26 23.79
N TYR A 82 -11.41 0.03 24.10
CA TYR A 82 -10.80 1.08 23.28
C TYR A 82 -9.29 1.10 23.44
N ARG A 83 -8.78 0.82 24.64
CA ARG A 83 -7.34 0.76 24.81
C ARG A 83 -6.76 -0.39 24.00
N CYS A 84 -7.44 -1.55 24.01
CA CYS A 84 -7.05 -2.63 23.11
C CYS A 84 -6.91 -2.12 21.68
N GLN A 85 -7.86 -1.30 21.22
CA GLN A 85 -7.79 -0.81 19.85
C GLN A 85 -6.58 0.07 19.63
N CYS A 86 -6.30 0.97 20.57
CA CYS A 86 -5.12 1.82 20.45
C CYS A 86 -3.85 0.99 20.37
N THR A 87 -3.73 -0.03 21.22
CA THR A 87 -2.57 -0.91 21.15
C THR A 87 -2.52 -1.65 19.81
N THR A 88 -3.65 -2.20 19.38
CA THR A 88 -3.73 -2.85 18.08
C THR A 88 -3.26 -1.93 16.97
N VAL A 89 -3.73 -0.69 16.98
CA VAL A 89 -3.38 0.24 15.90
C VAL A 89 -1.88 0.50 15.89
N GLU A 90 -1.28 0.68 17.06
CA GLU A 90 0.16 0.93 17.08
C GLU A 90 0.94 -0.27 16.55
N THR A 91 0.54 -1.49 16.93
CA THR A 91 1.25 -2.66 16.44
C THR A 91 1.09 -2.81 14.94
N VAL A 92 -0.09 -2.48 14.41
CA VAL A 92 -0.29 -2.52 12.97
C VAL A 92 0.67 -1.57 12.27
N ARG A 93 0.92 -0.40 12.88
CA ARG A 93 1.89 0.54 12.31
C ARG A 93 3.29 -0.08 12.29
N GLU A 94 3.71 -0.68 13.41
CA GLU A 94 5.04 -1.29 13.47
C GLU A 94 5.16 -2.45 12.47
N LEU A 95 4.13 -3.32 12.43
CA LEU A 95 4.15 -4.46 11.51
C LEU A 95 4.25 -4.02 10.06
N THR A 96 3.60 -2.90 9.73
CA THR A 96 3.71 -2.38 8.36
C THR A 96 5.15 -1.98 8.06
N GLU A 97 5.76 -1.18 8.93
CA GLU A 97 7.15 -0.80 8.73
C GLU A 97 8.05 -2.03 8.71
N PHE A 98 7.74 -3.01 9.57
CA PHE A 98 8.51 -4.26 9.58
C PHE A 98 8.45 -4.94 8.23
N ALA A 99 7.24 -5.15 7.69
CA ALA A 99 7.09 -5.83 6.42
C ALA A 99 7.81 -5.07 5.31
N LYS A 100 7.69 -3.74 5.31
CA LYS A 100 8.35 -2.92 4.31
C LYS A 100 9.87 -3.03 4.39
N SER A 101 10.43 -3.16 5.61
CA SER A 101 11.86 -3.37 5.77
C SER A 101 12.35 -4.70 5.21
N ILE A 102 11.46 -5.55 4.70
CA ILE A 102 11.83 -6.79 4.02
C ILE A 102 11.85 -6.48 2.51
N PRO A 103 13.04 -6.37 1.90
CA PRO A 103 13.07 -5.87 0.50
C PRO A 103 12.20 -6.68 -0.45
N SER A 104 12.23 -8.01 -0.33
CA SER A 104 11.39 -8.85 -1.18
C SER A 104 9.92 -8.49 -1.03
N PHE A 105 9.48 -8.21 0.20
CA PHE A 105 8.12 -7.75 0.43
C PHE A 105 7.84 -6.46 -0.33
N SER A 106 8.66 -5.44 -0.11
CA SER A 106 8.39 -4.13 -0.70
C SER A 106 8.37 -4.17 -2.22
N SER A 107 8.79 -5.28 -2.85
CA SER A 107 8.81 -5.40 -4.30
C SER A 107 7.50 -5.92 -4.89
N LEU A 108 6.60 -6.45 -4.06
CA LEU A 108 5.26 -6.76 -4.52
C LEU A 108 4.51 -5.47 -4.84
N PHE A 109 3.43 -5.60 -5.60
CA PHE A 109 2.63 -4.42 -5.88
C PHE A 109 1.93 -3.94 -4.62
N LEU A 110 1.74 -2.63 -4.52
CA LEU A 110 1.24 -2.05 -3.28
C LEU A 110 -0.05 -2.71 -2.82
N ASN A 111 -0.93 -3.07 -3.76
CA ASN A 111 -2.20 -3.69 -3.38
C ASN A 111 -2.00 -5.09 -2.84
N ASP A 112 -0.96 -5.80 -3.28
CA ASP A 112 -0.65 -7.08 -2.67
C ASP A 112 -0.04 -6.90 -1.30
N GLN A 113 0.79 -5.88 -1.12
CA GLN A 113 1.30 -5.59 0.21
C GLN A 113 0.15 -5.40 1.19
N VAL A 114 -0.87 -4.64 0.78
CA VAL A 114 -1.98 -4.32 1.66
C VAL A 114 -2.81 -5.55 1.96
N THR A 115 -2.99 -6.43 0.97
CA THR A 115 -3.73 -7.67 1.20
C THR A 115 -3.02 -8.54 2.21
N LEU A 116 -1.69 -8.59 2.14
CA LEU A 116 -0.92 -9.40 3.08
C LEU A 116 -1.08 -8.89 4.50
N LEU A 117 -0.97 -7.57 4.68
CA LEU A 117 -1.11 -7.00 6.02
C LEU A 117 -2.54 -7.15 6.54
N LYS A 118 -3.53 -6.89 5.68
CA LYS A 118 -4.93 -6.98 6.07
C LYS A 118 -5.22 -8.32 6.76
N TYR A 119 -4.78 -9.42 6.17
CA TYR A 119 -5.07 -10.75 6.69
C TYR A 119 -3.97 -11.31 7.57
N GLY A 120 -2.89 -10.56 7.78
CA GLY A 120 -1.78 -11.07 8.56
C GLY A 120 -1.59 -10.43 9.93
N VAL A 121 -1.97 -9.16 10.11
CA VAL A 121 -1.57 -8.43 11.31
C VAL A 121 -2.14 -9.09 12.56
N HIS A 122 -3.44 -9.42 12.55
CA HIS A 122 -4.02 -9.97 13.78
C HIS A 122 -3.36 -11.28 14.16
N GLU A 123 -3.09 -12.15 13.20
CA GLU A 123 -2.30 -13.34 13.51
C GLU A 123 -0.96 -12.96 14.13
N ALA A 124 -0.22 -12.07 13.47
CA ALA A 124 1.06 -11.65 14.02
C ALA A 124 0.89 -11.04 15.40
N ILE A 125 -0.10 -10.16 15.56
CA ILE A 125 -0.29 -9.47 16.82
C ILE A 125 -0.48 -10.47 17.96
N PHE A 126 -1.36 -11.45 17.75
CA PHE A 126 -1.60 -12.44 18.79
C PHE A 126 -0.35 -13.29 19.05
N ALA A 127 0.46 -13.54 18.02
CA ALA A 127 1.73 -14.24 18.21
C ALA A 127 2.67 -13.44 19.10
N MET A 128 2.78 -12.13 18.85
CA MET A 128 3.67 -11.29 19.65
C MET A 128 3.09 -10.96 21.02
N LEU A 129 1.78 -11.04 21.19
CA LEU A 129 1.19 -10.83 22.52
C LEU A 129 1.87 -11.71 23.54
N ALA A 130 2.13 -12.97 23.19
CA ALA A 130 2.69 -13.90 24.16
C ALA A 130 4.02 -13.42 24.71
N SER A 131 4.74 -12.59 23.95
CA SER A 131 6.00 -12.07 24.47
C SER A 131 5.80 -11.18 25.70
N ILE A 132 4.62 -10.56 25.84
CA ILE A 132 4.42 -9.61 26.92
C ILE A 132 3.36 -10.12 27.88
N VAL A 133 3.19 -11.43 27.95
CA VAL A 133 2.13 -12.04 28.74
C VAL A 133 2.69 -13.12 29.64
N ASN A 134 2.07 -13.32 30.80
CA ASN A 134 2.28 -14.50 31.63
C ASN A 134 0.92 -14.98 32.12
N LYS A 135 0.91 -16.06 32.89
CA LYS A 135 -0.36 -16.61 33.34
C LYS A 135 -1.21 -15.60 34.12
N ASP A 136 -0.59 -14.54 34.65
CA ASP A 136 -1.28 -13.62 35.55
C ASP A 136 -1.69 -12.29 34.93
N GLY A 137 -1.15 -11.93 33.78
CA GLY A 137 -1.47 -10.64 33.18
C GLY A 137 -0.58 -10.35 31.99
N LEU A 138 -0.57 -9.08 31.58
CA LEU A 138 0.18 -8.67 30.40
C LEU A 138 0.67 -7.25 30.57
N LEU A 139 1.85 -6.97 30.03
CA LEU A 139 2.43 -5.64 30.08
C LEU A 139 1.72 -4.70 29.11
N VAL A 140 1.59 -3.43 29.52
CA VAL A 140 1.00 -2.40 28.69
C VAL A 140 1.89 -1.17 28.70
N ALA A 141 1.63 -0.26 27.78
CA ALA A 141 2.38 0.99 27.66
C ALA A 141 3.87 0.76 27.87
N ASN A 142 4.55 0.16 26.90
CA ASN A 142 6.00 -0.03 26.93
C ASN A 142 6.48 -0.72 28.20
N GLY A 143 5.62 -1.51 28.83
CA GLY A 143 6.02 -2.20 30.04
C GLY A 143 5.94 -1.39 31.31
N SER A 144 5.44 -0.15 31.25
CA SER A 144 5.30 0.62 32.48
C SER A 144 4.20 0.07 33.38
N GLY A 145 3.20 -0.61 32.84
CA GLY A 145 2.13 -1.17 33.63
C GLY A 145 1.92 -2.63 33.35
N PHE A 146 1.15 -3.28 34.24
CA PHE A 146 0.88 -4.71 34.15
C PHE A 146 -0.59 -4.96 34.48
N VAL A 147 -1.42 -5.08 33.44
CA VAL A 147 -2.83 -5.37 33.63
C VAL A 147 -3.00 -6.83 34.02
N THR A 148 -3.77 -7.08 35.08
CA THR A 148 -3.90 -8.45 35.57
C THR A 148 -5.03 -9.18 34.84
N ARG A 149 -4.85 -10.49 34.76
CA ARG A 149 -5.84 -11.35 34.12
C ARG A 149 -7.11 -11.45 34.93
N GLU A 150 -7.02 -11.41 36.26
CA GLU A 150 -8.23 -11.36 37.09
C GLU A 150 -9.09 -10.17 36.73
N PHE A 151 -8.47 -9.00 36.58
CA PHE A 151 -9.24 -7.83 36.20
C PHE A 151 -9.96 -8.05 34.88
N LEU A 152 -9.23 -8.53 33.87
CA LEU A 152 -9.81 -8.69 32.53
C LEU A 152 -10.92 -9.74 32.49
N ARG A 153 -10.85 -10.75 33.38
CA ARG A 153 -11.99 -11.66 33.53
C ARG A 153 -13.20 -10.95 34.13
N SER A 154 -12.97 -9.88 34.90
CA SER A 154 -14.03 -9.18 35.63
C SER A 154 -14.89 -8.30 34.76
N LEU A 155 -14.52 -8.09 33.50
CA LEU A 155 -15.25 -7.17 32.65
C LEU A 155 -16.61 -7.77 32.27
N ARG A 156 -17.45 -6.94 31.65
CA ARG A 156 -18.75 -7.37 31.14
C ARG A 156 -18.60 -8.61 30.25
N LYS A 157 -19.71 -9.31 29.97
CA LYS A 157 -19.66 -10.64 29.37
C LYS A 157 -19.12 -10.67 27.95
N PRO A 158 -19.45 -9.71 27.08
CA PRO A 158 -18.84 -9.72 25.74
C PRO A 158 -17.36 -9.40 25.77
N PHE A 159 -16.95 -8.37 26.53
CA PHE A 159 -15.58 -7.88 26.50
C PHE A 159 -14.61 -8.77 27.26
N SER A 160 -15.09 -9.51 28.26
CA SER A 160 -14.20 -10.44 28.96
C SER A 160 -13.95 -11.71 28.18
N ASP A 161 -14.70 -11.93 27.09
CA ASP A 161 -14.59 -13.14 26.28
C ASP A 161 -13.47 -13.07 25.26
N ILE A 162 -13.24 -11.91 24.62
CA ILE A 162 -12.25 -11.85 23.55
C ILE A 162 -10.84 -11.67 24.07
N ILE A 163 -10.63 -11.67 25.39
CA ILE A 163 -9.31 -11.51 25.96
C ILE A 163 -8.78 -12.82 26.52
N GLU A 164 -9.63 -13.60 27.18
CA GLU A 164 -9.17 -14.83 27.80
C GLU A 164 -8.52 -15.79 26.80
N PRO A 165 -9.11 -16.06 25.63
CA PRO A 165 -8.46 -16.98 24.70
C PRO A 165 -7.04 -16.57 24.34
N LYS A 166 -6.75 -15.27 24.28
CA LYS A 166 -5.38 -14.85 23.99
C LYS A 166 -4.41 -15.37 25.03
N PHE A 167 -4.82 -15.38 26.30
CA PHE A 167 -3.95 -15.95 27.34
C PHE A 167 -3.76 -17.44 27.13
N GLU A 168 -4.87 -18.16 26.93
CA GLU A 168 -4.76 -19.60 26.71
C GLU A 168 -3.77 -19.91 25.60
N PHE A 169 -3.85 -19.18 24.50
CA PHE A 169 -2.87 -19.37 23.42
C PHE A 169 -1.48 -18.91 23.87
N ALA A 170 -1.40 -17.75 24.51
CA ALA A 170 -0.10 -17.18 24.85
C ALA A 170 0.71 -18.09 25.76
N VAL A 171 0.04 -18.75 26.71
CA VAL A 171 0.78 -19.62 27.62
C VAL A 171 1.32 -20.85 26.88
N LYS A 172 0.51 -21.46 26.01
CA LYS A 172 0.98 -22.63 25.26
C LYS A 172 2.03 -22.25 24.22
N PHE A 173 1.99 -21.01 23.74
CA PHE A 173 3.02 -20.57 22.80
C PHE A 173 4.35 -20.35 23.52
N ASN A 174 4.31 -19.75 24.71
CA ASN A 174 5.54 -19.49 25.44
C ASN A 174 6.19 -20.77 25.94
N ALA A 175 5.41 -21.84 26.04
CA ALA A 175 5.98 -23.14 26.39
C ALA A 175 7.08 -23.54 25.41
N LEU A 176 7.03 -23.05 24.17
CA LEU A 176 8.08 -23.38 23.21
C LEU A 176 9.36 -22.58 23.46
N GLU A 177 9.30 -21.52 24.26
CA GLU A 177 10.50 -20.83 24.69
C GLU A 177 11.26 -20.22 23.51
N LEU A 178 10.52 -19.70 22.53
CA LEU A 178 11.17 -18.99 21.45
C LEU A 178 11.80 -17.70 21.97
N ASP A 179 12.77 -17.20 21.22
CA ASP A 179 13.41 -15.93 21.52
C ASP A 179 13.11 -14.95 20.39
N ASP A 180 13.67 -13.75 20.48
CA ASP A 180 13.38 -12.73 19.49
C ASP A 180 13.90 -13.11 18.11
N SER A 181 15.06 -13.76 18.05
CA SER A 181 15.61 -14.15 16.75
C SER A 181 14.67 -15.13 16.04
N ASP A 182 14.06 -16.04 16.81
CA ASP A 182 13.07 -16.93 16.23
C ASP A 182 11.84 -16.17 15.79
N LEU A 183 11.33 -15.27 16.65
CA LEU A 183 10.05 -14.63 16.40
C LEU A 183 10.11 -13.76 15.15
N ALA A 184 11.23 -13.10 14.90
CA ALA A 184 11.36 -12.27 13.72
C ALA A 184 11.02 -13.07 12.46
N LEU A 185 11.52 -14.30 12.37
CA LEU A 185 11.21 -15.12 11.19
C LEU A 185 9.77 -15.62 11.21
N PHE A 186 9.31 -16.08 12.38
CA PHE A 186 7.93 -16.53 12.52
C PHE A 186 6.94 -15.46 12.05
N ILE A 187 7.08 -14.23 12.56
CA ILE A 187 6.18 -13.17 12.14
C ILE A 187 6.30 -12.93 10.64
N ALA A 188 7.54 -12.86 10.13
CA ALA A 188 7.71 -12.66 8.70
C ALA A 188 6.99 -13.73 7.90
N ALA A 189 7.02 -14.97 8.39
CA ALA A 189 6.32 -16.06 7.70
C ALA A 189 4.81 -15.86 7.74
N ILE A 190 4.29 -15.37 8.87
CA ILE A 190 2.86 -15.12 9.00
C ILE A 190 2.39 -14.09 7.99
N ILE A 191 3.16 -13.02 7.80
CA ILE A 191 2.70 -11.94 6.94
C ILE A 191 2.68 -12.39 5.49
N LEU A 192 3.74 -13.07 5.05
CA LEU A 192 3.88 -13.53 3.66
C LEU A 192 3.17 -14.86 3.46
N CYS A 193 1.86 -14.79 3.57
CA CYS A 193 0.99 -15.94 3.40
C CYS A 193 0.44 -15.92 1.98
N GLY A 194 0.62 -17.03 1.26
CA GLY A 194 0.24 -17.04 -0.13
C GLY A 194 -1.22 -17.33 -0.41
N ASP A 195 -1.95 -17.86 0.57
CA ASP A 195 -3.37 -18.13 0.35
C ASP A 195 -4.26 -17.11 1.06
N ARG A 196 -3.87 -15.83 1.02
CA ARG A 196 -4.77 -14.78 1.48
C ARG A 196 -5.74 -14.41 0.37
N PRO A 197 -7.02 -14.25 0.69
CA PRO A 197 -8.01 -13.92 -0.34
C PRO A 197 -7.64 -12.66 -1.09
N GLY A 198 -7.78 -12.71 -2.42
CA GLY A 198 -7.57 -11.56 -3.25
C GLY A 198 -6.14 -11.26 -3.61
N LEU A 199 -5.20 -12.13 -3.22
CA LEU A 199 -3.82 -11.96 -3.62
C LEU A 199 -3.72 -11.97 -5.14
N MET A 200 -2.92 -11.03 -5.65
CA MET A 200 -2.79 -10.90 -7.09
C MET A 200 -1.74 -11.85 -7.64
N ASN A 201 -0.52 -11.76 -7.12
CA ASN A 201 0.62 -12.54 -7.60
C ASN A 201 0.93 -13.63 -6.56
N VAL A 202 0.13 -14.69 -6.57
CA VAL A 202 0.27 -15.74 -5.56
C VAL A 202 1.62 -16.44 -5.61
N PRO A 203 2.15 -16.84 -6.78
CA PRO A 203 3.40 -17.61 -6.75
C PRO A 203 4.55 -16.84 -6.15
N ARG A 204 4.68 -15.56 -6.48
CA ARG A 204 5.75 -14.75 -5.93
C ARG A 204 5.70 -14.74 -4.40
N VAL A 205 4.50 -14.70 -3.81
CA VAL A 205 4.39 -14.67 -2.35
C VAL A 205 4.73 -16.03 -1.75
N GLU A 206 4.35 -17.12 -2.42
CA GLU A 206 4.70 -18.44 -1.90
C GLU A 206 6.20 -18.69 -2.00
N ALA A 207 6.86 -18.06 -2.96
CA ALA A 207 8.32 -18.18 -3.07
C ALA A 207 9.01 -17.49 -1.91
N ILE A 208 8.67 -16.23 -1.67
CA ILE A 208 9.21 -15.52 -0.50
C ILE A 208 8.91 -16.32 0.77
N GLN A 209 7.67 -16.76 0.92
CA GLN A 209 7.34 -17.53 2.13
C GLN A 209 8.26 -18.74 2.27
N ASP A 210 8.53 -19.40 1.14
CA ASP A 210 9.38 -20.59 1.16
C ASP A 210 10.79 -20.27 1.64
N THR A 211 11.36 -19.17 1.16
CA THR A 211 12.64 -18.70 1.69
C THR A 211 12.56 -18.46 3.20
N ILE A 212 11.48 -17.83 3.68
CA ILE A 212 11.41 -17.48 5.09
C ILE A 212 11.37 -18.75 5.93
N LEU A 213 10.50 -19.70 5.58
CA LEU A 213 10.41 -20.94 6.35
C LEU A 213 11.72 -21.73 6.28
N ARG A 214 12.36 -21.80 5.10
CA ARG A 214 13.66 -22.48 5.02
C ARG A 214 14.68 -21.78 5.90
N ALA A 215 14.61 -20.45 5.98
CA ALA A 215 15.49 -19.72 6.88
C ALA A 215 15.11 -19.98 8.34
N LEU A 216 13.82 -20.05 8.63
CA LEU A 216 13.39 -20.30 9.99
C LEU A 216 13.82 -21.68 10.46
N GLU A 217 13.60 -22.69 9.63
CA GLU A 217 14.01 -24.05 9.97
C GLU A 217 15.52 -24.15 10.16
N PHE A 218 16.29 -23.51 9.28
CA PHE A 218 17.73 -23.44 9.43
C PHE A 218 18.11 -22.78 10.77
N HIS A 219 17.47 -21.66 11.08
CA HIS A 219 17.80 -20.94 12.30
C HIS A 219 17.42 -21.75 13.54
N LEU A 220 16.32 -22.50 13.49
CA LEU A 220 15.94 -23.28 14.65
C LEU A 220 16.94 -24.37 14.96
N GLN A 221 17.70 -24.82 13.95
CA GLN A 221 18.72 -25.84 14.18
C GLN A 221 19.86 -25.29 15.01
N ALA A 222 20.41 -24.14 14.62
CA ALA A 222 21.50 -23.56 15.40
C ALA A 222 21.00 -23.10 16.78
N ASN A 223 19.88 -22.37 16.82
CA ASN A 223 19.46 -21.72 18.05
C ASN A 223 18.82 -22.65 19.05
N HIS A 224 18.25 -23.78 18.61
CA HIS A 224 17.55 -24.72 19.47
C HIS A 224 17.99 -26.14 19.12
N PRO A 225 19.25 -26.47 19.34
CA PRO A 225 19.78 -27.76 18.87
C PRO A 225 19.08 -28.96 19.48
N ASP A 226 18.49 -28.82 20.66
CA ASP A 226 17.82 -29.94 21.33
C ASP A 226 16.31 -29.91 21.15
N ALA A 227 15.78 -29.00 20.35
CA ALA A 227 14.34 -28.85 20.16
C ALA A 227 13.83 -29.93 19.22
N GLN A 228 13.09 -30.89 19.76
CA GLN A 228 12.50 -31.96 18.97
C GLN A 228 11.22 -31.46 18.31
N TYR A 229 11.16 -31.57 16.98
CA TYR A 229 9.94 -31.26 16.23
C TYR A 229 9.51 -29.80 16.38
N LEU A 230 10.45 -28.90 16.67
CA LEU A 230 10.07 -27.51 16.90
C LEU A 230 9.50 -26.87 15.64
N PHE A 231 10.21 -27.01 14.51
CA PHE A 231 9.72 -26.38 13.28
C PHE A 231 8.32 -26.83 12.90
N PRO A 232 8.02 -28.13 12.83
CA PRO A 232 6.62 -28.53 12.57
C PRO A 232 5.67 -28.00 13.61
N LYS A 233 6.11 -27.89 14.87
CA LYS A 233 5.22 -27.38 15.89
C LYS A 233 4.85 -25.92 15.61
N LEU A 234 5.84 -25.10 15.24
CA LEU A 234 5.57 -23.71 14.88
C LEU A 234 4.57 -23.61 13.75
N LEU A 235 4.76 -24.41 12.70
CA LEU A 235 3.81 -24.44 11.60
C LEU A 235 2.41 -24.77 12.11
N GLN A 236 2.30 -25.62 13.14
CA GLN A 236 1.00 -25.87 13.74
C GLN A 236 0.49 -24.63 14.47
N LYS A 237 1.37 -23.94 15.19
CA LYS A 237 0.99 -22.68 15.82
C LYS A 237 0.49 -21.68 14.79
N MET A 238 1.08 -21.67 13.58
CA MET A 238 0.62 -20.73 12.56
C MET A 238 -0.84 -20.99 12.20
N ALA A 239 -1.21 -22.26 12.03
CA ALA A 239 -2.59 -22.61 11.74
C ALA A 239 -3.50 -22.33 12.94
N ASP A 240 -2.98 -22.56 14.16
CA ASP A 240 -3.76 -22.25 15.36
C ASP A 240 -4.07 -20.75 15.44
N LEU A 241 -3.12 -19.91 15.03
CA LEU A 241 -3.35 -18.47 15.02
C LEU A 241 -4.44 -18.09 14.03
N ARG A 242 -4.43 -18.70 12.85
CA ARG A 242 -5.50 -18.46 11.88
C ARG A 242 -6.86 -18.73 12.50
N GLN A 243 -6.95 -19.75 13.35
CA GLN A 243 -8.21 -20.07 14.01
C GLN A 243 -8.53 -19.09 15.12
N LEU A 244 -7.51 -18.68 15.88
CA LEU A 244 -7.75 -17.69 16.94
C LEU A 244 -8.29 -16.39 16.34
N VAL A 245 -7.72 -15.97 15.21
CA VAL A 245 -8.17 -14.74 14.57
C VAL A 245 -9.59 -14.89 14.05
N THR A 246 -9.91 -16.05 13.46
CA THR A 246 -11.28 -16.31 13.02
C THR A 246 -12.27 -16.18 14.18
N GLU A 247 -11.95 -16.78 15.34
CA GLU A 247 -12.85 -16.71 16.47
C GLU A 247 -12.87 -15.30 17.07
N HIS A 248 -11.70 -14.65 17.11
CA HIS A 248 -11.63 -13.26 17.55
C HIS A 248 -12.49 -12.36 16.67
N ALA A 249 -12.46 -12.60 15.35
CA ALA A 249 -13.21 -11.75 14.44
C ALA A 249 -14.70 -11.87 14.67
N GLN A 250 -15.17 -13.08 14.98
CA GLN A 250 -16.60 -13.27 15.19
C GLN A 250 -17.08 -12.52 16.43
N MET A 251 -16.33 -12.60 17.53
CA MET A 251 -16.68 -11.80 18.70
C MET A 251 -16.69 -10.32 18.36
N MET A 252 -15.75 -9.87 17.53
CA MET A 252 -15.73 -8.46 17.17
C MET A 252 -16.98 -8.08 16.40
N GLN A 253 -17.40 -8.91 15.44
CA GLN A 253 -18.59 -8.63 14.66
C GLN A 253 -19.82 -8.59 15.56
N ARG A 254 -19.95 -9.57 16.46
CA ARG A 254 -21.01 -9.53 17.45
C ARG A 254 -20.98 -8.22 18.23
N ILE A 255 -19.81 -7.84 18.75
CA ILE A 255 -19.67 -6.56 19.43
C ILE A 255 -20.20 -5.43 18.55
N LYS A 256 -19.90 -5.48 17.25
CA LYS A 256 -20.45 -4.48 16.34
C LYS A 256 -21.98 -4.54 16.30
N LYS A 257 -22.55 -5.74 16.47
CA LYS A 257 -23.99 -5.90 16.36
C LYS A 257 -24.70 -5.57 17.67
N THR A 258 -24.28 -6.18 18.79
CA THR A 258 -24.96 -6.00 20.06
C THR A 258 -24.56 -4.71 20.77
N GLU A 259 -23.30 -4.30 20.68
CA GLU A 259 -22.85 -3.06 21.31
C GLU A 259 -22.92 -1.90 20.32
N THR A 260 -24.15 -1.58 19.89
CA THR A 260 -24.34 -0.58 18.85
C THR A 260 -23.84 0.80 19.26
N GLU A 261 -23.65 1.03 20.56
CA GLU A 261 -23.11 2.29 21.04
C GLU A 261 -21.58 2.28 21.11
N THR A 262 -20.94 1.14 20.85
CA THR A 262 -19.48 1.00 20.90
C THR A 262 -18.85 1.33 19.55
N SER A 263 -17.68 1.98 19.60
CA SER A 263 -16.99 2.46 18.42
C SER A 263 -15.93 1.46 17.94
N LEU A 264 -15.54 1.59 16.66
CA LEU A 264 -14.47 0.79 16.09
C LEU A 264 -13.57 1.69 15.25
N HIS A 265 -12.31 1.82 15.68
CA HIS A 265 -11.37 2.71 15.00
C HIS A 265 -11.36 2.41 13.50
N PRO A 266 -11.37 3.43 12.64
CA PRO A 266 -11.57 3.17 11.21
C PRO A 266 -10.57 2.18 10.62
N LEU A 267 -9.31 2.26 11.03
CA LEU A 267 -8.30 1.35 10.50
C LEU A 267 -8.68 -0.10 10.79
N LEU A 268 -9.23 -0.36 11.98
CA LEU A 268 -9.71 -1.70 12.26
C LEU A 268 -10.98 -2.03 11.46
N GLN A 269 -11.78 -1.01 11.14
CA GLN A 269 -12.95 -1.26 10.31
C GLN A 269 -12.54 -1.79 8.93
N GLU A 270 -11.49 -1.21 8.35
CA GLU A 270 -11.04 -1.65 7.03
C GLU A 270 -10.50 -3.06 7.07
N ILE A 271 -9.67 -3.37 8.07
CA ILE A 271 -9.09 -4.70 8.19
C ILE A 271 -10.19 -5.76 8.19
N TYR A 272 -11.19 -5.60 9.06
CA TYR A 272 -12.27 -6.58 9.17
C TYR A 272 -13.30 -6.47 8.04
N LYS A 273 -13.32 -5.35 7.31
CA LYS A 273 -14.34 -5.09 6.31
C LYS A 273 -14.57 -6.26 5.36
N ASP A 274 -13.57 -7.11 5.14
CA ASP A 274 -13.69 -8.24 4.22
C ASP A 274 -14.17 -7.79 2.85
N GLN B 6 4.41 31.08 4.36
CA GLN B 6 3.64 30.30 3.39
C GLN B 6 4.39 30.23 2.06
N VAL B 7 4.65 31.39 1.46
CA VAL B 7 5.23 31.44 0.12
C VAL B 7 6.67 30.93 0.09
N ALA B 8 7.31 30.80 1.27
CA ALA B 8 8.67 30.29 1.33
C ALA B 8 8.71 28.77 1.27
N ASP B 9 7.93 28.11 2.13
CA ASP B 9 7.90 26.65 2.13
C ASP B 9 7.40 26.11 0.81
N LEU B 10 6.45 26.80 0.19
CA LEU B 10 5.87 26.34 -1.07
C LEU B 10 6.91 26.25 -2.18
N LYS B 11 7.88 27.16 -2.19
CA LYS B 11 8.92 27.10 -3.21
C LYS B 11 9.82 25.88 -3.02
N ALA B 12 10.17 25.57 -1.78
CA ALA B 12 10.96 24.38 -1.51
C ALA B 12 10.14 23.12 -1.73
N PHE B 13 8.88 23.14 -1.30
CA PHE B 13 7.98 22.01 -1.49
C PHE B 13 7.85 21.66 -2.97
N SER B 14 7.59 22.67 -3.81
CA SER B 14 7.48 22.45 -5.24
C SER B 14 8.77 21.86 -5.82
N LYS B 15 9.91 22.24 -5.27
CA LYS B 15 11.18 21.74 -5.79
C LYS B 15 11.39 20.28 -5.43
N HIS B 16 11.01 19.88 -4.21
CA HIS B 16 11.17 18.48 -3.84
C HIS B 16 10.29 17.58 -4.70
N ILE B 17 9.05 18.01 -4.96
CA ILE B 17 8.20 17.24 -5.85
C ILE B 17 8.80 17.17 -7.25
N TYR B 18 9.39 18.27 -7.72
CA TYR B 18 10.00 18.26 -9.05
C TYR B 18 11.15 17.26 -9.11
N ASN B 19 11.93 17.14 -8.03
CA ASN B 19 13.01 16.15 -7.99
C ASN B 19 12.47 14.74 -7.95
N ALA B 20 11.32 14.52 -7.30
CA ALA B 20 10.68 13.20 -7.31
C ALA B 20 10.26 12.81 -8.73
N TYR B 21 9.65 13.76 -9.44
CA TYR B 21 9.39 13.61 -10.86
C TYR B 21 10.67 13.27 -11.63
N LEU B 22 11.70 14.12 -11.51
CA LEU B 22 12.90 13.94 -12.31
C LEU B 22 13.54 12.58 -12.10
N LYS B 23 13.41 11.99 -10.92
CA LYS B 23 14.11 10.74 -10.66
C LYS B 23 13.25 9.51 -10.83
N ASN B 24 11.97 9.65 -11.18
CA ASN B 24 11.07 8.51 -11.20
C ASN B 24 10.46 8.19 -12.55
N PHE B 25 10.30 9.17 -13.45
CA PHE B 25 9.70 8.95 -14.75
C PHE B 25 10.78 8.86 -15.82
N ASN B 26 10.74 7.78 -16.61
CA ASN B 26 11.82 7.53 -17.57
C ASN B 26 11.76 8.45 -18.78
N MET B 27 10.65 9.12 -19.01
CA MET B 27 10.52 10.08 -20.10
C MET B 27 9.96 11.38 -19.53
N THR B 28 10.64 12.48 -19.81
CA THR B 28 10.22 13.81 -19.42
C THR B 28 9.75 14.57 -20.66
N LYS B 29 8.85 15.53 -20.48
CA LYS B 29 8.46 16.36 -21.61
C LYS B 29 9.67 17.06 -22.24
N LYS B 30 10.66 17.44 -21.42
CA LYS B 30 11.91 17.99 -21.95
C LYS B 30 12.54 17.02 -22.95
N LYS B 31 12.87 15.81 -22.50
CA LYS B 31 13.41 14.81 -23.41
C LYS B 31 12.49 14.59 -24.61
N ALA B 32 11.17 14.51 -24.36
CA ALA B 32 10.23 14.13 -25.41
C ALA B 32 10.12 15.19 -26.49
N ARG B 33 9.98 16.46 -26.10
CA ARG B 33 9.81 17.52 -27.08
C ARG B 33 11.04 17.69 -27.95
N SER B 34 12.22 17.27 -27.47
CA SER B 34 13.41 17.39 -28.31
C SER B 34 13.48 16.30 -29.37
N ILE B 35 12.96 15.11 -29.07
CA ILE B 35 12.92 14.05 -30.07
C ILE B 35 11.91 14.37 -31.15
N LEU B 36 10.74 14.87 -30.75
CA LEU B 36 9.67 15.20 -31.69
C LEU B 36 9.99 16.40 -32.56
N THR B 37 11.15 17.02 -32.39
CA THR B 37 11.53 18.17 -33.19
C THR B 37 12.85 17.97 -33.93
N GLY B 38 13.91 17.57 -33.22
CA GLY B 38 15.24 17.46 -33.79
C GLY B 38 16.38 17.34 -32.77
N ALA B 44 16.76 9.97 -35.01
CA ALA B 44 15.33 10.06 -35.25
C ALA B 44 14.65 8.74 -34.98
N PRO B 45 13.42 8.80 -34.46
CA PRO B 45 12.69 7.56 -34.14
C PRO B 45 12.16 6.88 -35.39
N PHE B 46 12.31 5.56 -35.40
CA PHE B 46 11.73 4.73 -36.45
C PHE B 46 10.21 4.86 -36.46
N VAL B 47 9.69 5.42 -37.55
CA VAL B 47 8.26 5.66 -37.69
C VAL B 47 7.54 4.33 -37.85
N ILE B 48 6.58 4.05 -36.96
CA ILE B 48 5.72 2.88 -37.08
C ILE B 48 4.38 3.33 -37.65
N HIS B 49 3.97 2.71 -38.76
CA HIS B 49 2.79 3.19 -39.46
C HIS B 49 2.06 2.09 -40.23
N ASP B 50 2.42 0.82 -40.07
CA ASP B 50 1.71 -0.31 -40.67
C ASP B 50 2.23 -1.59 -40.03
N ILE B 51 1.67 -2.73 -40.48
CA ILE B 51 2.07 -4.01 -39.92
C ILE B 51 3.57 -4.21 -40.09
N GLU B 52 4.10 -3.85 -41.27
CA GLU B 52 5.51 -4.09 -41.56
C GLU B 52 6.41 -3.35 -40.58
N THR B 53 6.29 -2.02 -40.53
CA THR B 53 7.12 -1.21 -39.62
C THR B 53 6.96 -1.66 -38.18
N LEU B 54 5.74 -2.03 -37.79
CA LEU B 54 5.53 -2.62 -36.47
C LEU B 54 6.43 -3.82 -36.27
N TRP B 55 6.52 -4.70 -37.28
CA TRP B 55 7.26 -5.94 -37.11
C TRP B 55 8.76 -5.66 -37.02
N GLN B 56 9.26 -4.77 -37.86
CA GLN B 56 10.65 -4.33 -37.72
C GLN B 56 10.91 -3.83 -36.31
N ALA B 57 10.12 -2.86 -35.86
CA ALA B 57 10.29 -2.31 -34.52
C ALA B 57 10.40 -3.40 -33.48
N GLU B 58 9.60 -4.46 -33.61
CA GLU B 58 9.62 -5.47 -32.56
C GLU B 58 10.86 -6.34 -32.61
N LYS B 59 11.45 -6.53 -33.80
CA LYS B 59 12.48 -7.54 -34.00
C LYS B 59 13.78 -7.04 -33.37
N GLY B 60 13.70 -5.88 -32.73
CA GLY B 60 14.79 -5.26 -32.04
C GLY B 60 15.22 -3.93 -32.63
N LEU B 61 14.68 -3.57 -33.79
CA LEU B 61 15.04 -2.30 -34.41
C LEU B 61 14.63 -1.14 -33.51
N VAL B 62 13.48 -1.26 -32.87
CA VAL B 62 13.01 -0.30 -31.88
C VAL B 62 12.98 -0.93 -30.48
N TRP B 63 12.28 -2.06 -30.34
CA TRP B 63 12.31 -2.86 -29.12
C TRP B 63 13.47 -3.87 -29.13
N LEU B 70 4.75 -10.46 -23.25
CA LEU B 70 3.53 -10.30 -24.04
C LEU B 70 2.82 -11.63 -24.33
N PRO B 71 1.49 -11.65 -24.18
CA PRO B 71 0.72 -12.88 -24.47
C PRO B 71 0.90 -13.32 -25.91
N PRO B 72 0.31 -14.45 -26.30
CA PRO B 72 0.55 -14.98 -27.65
C PRO B 72 -0.13 -14.14 -28.71
N TYR B 73 0.61 -13.90 -29.81
CA TYR B 73 0.10 -13.11 -30.91
C TYR B 73 -1.29 -13.60 -31.32
N LYS B 74 -2.14 -12.67 -31.79
CA LYS B 74 -3.47 -13.03 -32.25
C LYS B 74 -3.82 -12.25 -33.52
N GLU B 75 -4.00 -10.93 -33.40
CA GLU B 75 -4.15 -10.06 -34.56
C GLU B 75 -3.46 -8.73 -34.27
N ILE B 76 -3.43 -7.86 -35.29
CA ILE B 76 -2.64 -6.64 -35.18
C ILE B 76 -3.30 -5.65 -34.22
N SER B 77 -4.63 -5.58 -34.22
CA SER B 77 -5.30 -4.66 -33.31
C SER B 77 -5.12 -5.09 -31.87
N VAL B 78 -5.24 -6.39 -31.59
CA VAL B 78 -4.99 -6.88 -30.25
C VAL B 78 -3.52 -6.70 -29.87
N HIS B 79 -2.61 -6.80 -30.84
CA HIS B 79 -1.20 -6.65 -30.51
C HIS B 79 -0.91 -5.24 -30.02
N VAL B 80 -1.51 -4.24 -30.66
CA VAL B 80 -1.39 -2.86 -30.20
C VAL B 80 -2.05 -2.70 -28.83
N PHE B 81 -3.19 -3.35 -28.62
CA PHE B 81 -3.86 -3.29 -27.33
C PHE B 81 -2.94 -3.73 -26.21
N TYR B 82 -2.18 -4.82 -26.43
CA TYR B 82 -1.30 -5.35 -25.39
C TYR B 82 -0.10 -4.45 -25.14
N ARG B 83 0.44 -3.84 -26.18
CA ARG B 83 1.55 -2.92 -25.97
C ARG B 83 1.09 -1.68 -25.23
N CYS B 84 -0.17 -1.30 -25.42
CA CYS B 84 -0.77 -0.26 -24.59
C CYS B 84 -0.77 -0.66 -23.11
N GLN B 85 -1.08 -1.92 -22.81
CA GLN B 85 -1.10 -2.37 -21.42
C GLN B 85 0.30 -2.35 -20.81
N CYS B 86 1.31 -2.80 -21.55
CA CYS B 86 2.68 -2.81 -21.02
C CYS B 86 3.13 -1.41 -20.66
N THR B 87 2.97 -0.47 -21.59
CA THR B 87 3.33 0.91 -21.28
C THR B 87 2.60 1.40 -20.03
N THR B 88 1.29 1.17 -19.97
CA THR B 88 0.48 1.57 -18.82
C THR B 88 1.00 0.95 -17.52
N VAL B 89 1.28 -0.36 -17.53
CA VAL B 89 1.75 -1.02 -16.31
C VAL B 89 3.08 -0.43 -15.88
N GLU B 90 3.93 -0.09 -16.85
CA GLU B 90 5.20 0.56 -16.52
C GLU B 90 4.97 1.96 -15.95
N THR B 91 3.99 2.70 -16.48
CA THR B 91 3.73 4.03 -15.94
C THR B 91 3.13 3.95 -14.55
N VAL B 92 2.34 2.92 -14.28
CA VAL B 92 1.79 2.74 -12.94
C VAL B 92 2.90 2.48 -11.93
N ARG B 93 3.92 1.71 -12.32
CA ARG B 93 5.06 1.52 -11.44
C ARG B 93 5.74 2.85 -11.15
N GLU B 94 5.99 3.65 -12.19
CA GLU B 94 6.67 4.92 -12.01
C GLU B 94 5.86 5.87 -11.14
N LEU B 95 4.54 5.91 -11.34
CA LEU B 95 3.70 6.82 -10.56
C LEU B 95 3.64 6.41 -9.10
N THR B 96 3.76 5.10 -8.83
CA THR B 96 3.73 4.65 -7.45
C THR B 96 4.99 5.10 -6.71
N GLU B 97 6.16 4.89 -7.33
CA GLU B 97 7.39 5.44 -6.76
C GLU B 97 7.30 6.96 -6.61
N PHE B 98 6.79 7.64 -7.64
CA PHE B 98 6.65 9.08 -7.55
C PHE B 98 5.83 9.47 -6.33
N ALA B 99 4.68 8.84 -6.13
CA ALA B 99 3.83 9.19 -5.00
C ALA B 99 4.54 8.91 -3.68
N LYS B 100 5.18 7.75 -3.57
CA LYS B 100 5.92 7.42 -2.35
C LYS B 100 7.02 8.44 -2.05
N SER B 101 7.63 9.02 -3.08
CA SER B 101 8.67 10.03 -2.89
C SER B 101 8.12 11.35 -2.38
N ILE B 102 6.82 11.46 -2.11
CA ILE B 102 6.22 12.64 -1.48
C ILE B 102 6.03 12.31 0.00
N PRO B 103 6.87 12.85 0.91
CA PRO B 103 6.75 12.44 2.33
C PRO B 103 5.34 12.51 2.88
N SER B 104 4.58 13.55 2.55
CA SER B 104 3.20 13.66 3.05
C SER B 104 2.33 12.51 2.56
N PHE B 105 2.65 11.94 1.40
CA PHE B 105 1.88 10.82 0.86
C PHE B 105 2.18 9.53 1.60
N SER B 106 3.45 9.15 1.72
CA SER B 106 3.81 7.89 2.36
C SER B 106 3.43 7.84 3.84
N SER B 107 3.06 8.97 4.45
CA SER B 107 2.65 8.95 5.85
C SER B 107 1.23 8.44 6.04
N LEU B 108 0.39 8.55 5.01
CA LEU B 108 -0.95 7.95 5.03
C LEU B 108 -0.85 6.44 5.16
N PHE B 109 -1.94 5.83 5.61
CA PHE B 109 -1.92 4.38 5.78
C PHE B 109 -1.92 3.69 4.42
N LEU B 110 -1.25 2.54 4.37
CA LEU B 110 -0.99 1.88 3.10
C LEU B 110 -2.24 1.77 2.25
N ASN B 111 -3.39 1.43 2.86
CA ASN B 111 -4.60 1.22 2.08
C ASN B 111 -5.18 2.51 1.53
N ASP B 112 -4.87 3.66 2.15
CA ASP B 112 -5.22 4.93 1.53
C ASP B 112 -4.31 5.24 0.36
N GLN B 113 -3.03 4.90 0.47
CA GLN B 113 -2.12 5.07 -0.67
C GLN B 113 -2.62 4.31 -1.89
N VAL B 114 -3.12 3.10 -1.67
CA VAL B 114 -3.60 2.31 -2.80
C VAL B 114 -4.89 2.88 -3.36
N THR B 115 -5.81 3.34 -2.50
CA THR B 115 -7.02 3.97 -3.02
C THR B 115 -6.68 5.15 -3.91
N LEU B 116 -5.80 6.05 -3.44
CA LEU B 116 -5.40 7.19 -4.25
C LEU B 116 -4.80 6.72 -5.59
N LEU B 117 -3.84 5.81 -5.56
CA LEU B 117 -3.22 5.33 -6.79
C LEU B 117 -4.25 4.66 -7.72
N LYS B 118 -5.10 3.78 -7.15
CA LYS B 118 -6.10 3.07 -7.94
C LYS B 118 -7.00 4.02 -8.73
N TYR B 119 -7.44 5.11 -8.13
CA TYR B 119 -8.36 6.00 -8.82
C TYR B 119 -7.66 7.13 -9.55
N GLY B 120 -6.34 7.25 -9.40
CA GLY B 120 -5.63 8.38 -9.96
C GLY B 120 -4.72 8.09 -11.14
N VAL B 121 -4.15 6.88 -11.23
CA VAL B 121 -3.06 6.67 -12.17
C VAL B 121 -3.52 6.90 -13.61
N HIS B 122 -4.75 6.50 -13.94
CA HIS B 122 -5.20 6.72 -15.31
C HIS B 122 -5.30 8.21 -15.63
N GLU B 123 -5.86 8.99 -14.71
CA GLU B 123 -5.87 10.44 -14.92
C GLU B 123 -4.45 10.98 -15.05
N ALA B 124 -3.54 10.54 -14.18
CA ALA B 124 -2.17 10.96 -14.33
C ALA B 124 -1.60 10.50 -15.67
N ILE B 125 -1.89 9.25 -16.06
CA ILE B 125 -1.29 8.70 -17.25
C ILE B 125 -1.68 9.52 -18.48
N PHE B 126 -2.96 9.80 -18.63
CA PHE B 126 -3.41 10.56 -19.80
C PHE B 126 -2.93 12.01 -19.78
N ALA B 127 -2.66 12.57 -18.60
CA ALA B 127 -2.03 13.89 -18.56
C ALA B 127 -0.59 13.80 -19.07
N MET B 128 0.16 12.84 -18.57
CA MET B 128 1.54 12.72 -19.02
C MET B 128 1.64 12.23 -20.44
N LEU B 129 0.64 11.47 -20.91
CA LEU B 129 0.63 11.03 -22.29
C LEU B 129 0.90 12.19 -23.24
N ALA B 130 0.26 13.33 -22.98
CA ALA B 130 0.38 14.48 -23.87
C ALA B 130 1.83 14.90 -24.07
N SER B 131 2.71 14.57 -23.13
CA SER B 131 4.11 15.00 -23.26
C SER B 131 4.80 14.32 -24.42
N ILE B 132 4.38 13.09 -24.79
CA ILE B 132 5.05 12.32 -25.83
C ILE B 132 4.24 12.28 -27.12
N VAL B 133 3.36 13.24 -27.33
CA VAL B 133 2.37 13.21 -28.40
C VAL B 133 2.34 14.56 -29.11
N ASN B 134 2.27 14.53 -30.43
CA ASN B 134 1.85 15.66 -31.23
C ASN B 134 0.63 15.24 -32.04
N LYS B 135 0.14 16.13 -32.90
CA LYS B 135 -1.06 15.82 -33.66
C LYS B 135 -0.89 14.59 -34.57
N ASP B 136 0.35 14.18 -34.89
CA ASP B 136 0.56 13.12 -35.88
C ASP B 136 0.93 11.76 -35.31
N GLY B 137 1.19 11.65 -34.02
CA GLY B 137 1.57 10.36 -33.47
C GLY B 137 2.12 10.52 -32.07
N LEU B 138 2.72 9.45 -31.57
CA LEU B 138 3.26 9.44 -30.22
C LEU B 138 4.54 8.63 -30.16
N LEU B 139 5.45 9.07 -29.31
CA LEU B 139 6.68 8.32 -29.07
C LEU B 139 6.37 7.04 -28.33
N VAL B 140 7.10 5.98 -28.66
CA VAL B 140 6.99 4.72 -27.94
C VAL B 140 8.40 4.25 -27.62
N ALA B 141 8.49 3.33 -26.66
CA ALA B 141 9.74 2.65 -26.35
C ALA B 141 10.86 3.66 -26.05
N ASN B 142 10.62 4.47 -25.02
CA ASN B 142 11.59 5.45 -24.54
C ASN B 142 12.05 6.43 -25.61
N GLY B 143 11.27 6.64 -26.68
CA GLY B 143 11.61 7.61 -27.70
C GLY B 143 12.25 7.05 -28.94
N SER B 144 12.58 5.75 -28.95
CA SER B 144 13.18 5.15 -30.15
C SER B 144 12.18 5.02 -31.29
N GLY B 145 10.89 4.82 -30.97
CA GLY B 145 9.87 4.69 -31.98
C GLY B 145 8.86 5.82 -31.96
N PHE B 146 8.14 5.99 -33.05
CA PHE B 146 7.06 6.97 -33.14
C PHE B 146 5.93 6.34 -33.92
N VAL B 147 4.86 6.00 -33.23
CA VAL B 147 3.71 5.37 -33.84
C VAL B 147 2.77 6.46 -34.34
N THR B 148 2.31 6.33 -35.57
CA THR B 148 1.55 7.39 -36.22
C THR B 148 0.07 7.31 -35.88
N ARG B 149 -0.55 8.47 -35.78
CA ARG B 149 -1.98 8.54 -35.52
C ARG B 149 -2.78 7.84 -36.61
N GLU B 150 -2.39 8.02 -37.88
CA GLU B 150 -3.15 7.42 -38.96
C GLU B 150 -3.14 5.90 -38.89
N PHE B 151 -2.04 5.32 -38.46
CA PHE B 151 -1.99 3.88 -38.27
C PHE B 151 -2.94 3.45 -37.15
N LEU B 152 -2.92 4.18 -36.02
CA LEU B 152 -3.81 3.87 -34.89
C LEU B 152 -5.27 4.03 -35.29
N ARG B 153 -5.58 5.01 -36.14
CA ARG B 153 -6.95 5.15 -36.64
C ARG B 153 -7.37 3.97 -37.50
N SER B 154 -6.42 3.18 -38.01
CA SER B 154 -6.70 2.12 -38.97
C SER B 154 -6.92 0.75 -38.34
N LEU B 155 -6.96 0.67 -37.01
CA LEU B 155 -7.18 -0.60 -36.34
C LEU B 155 -8.69 -0.87 -36.22
N ARG B 156 -9.03 -2.10 -35.82
CA ARG B 156 -10.43 -2.48 -35.68
C ARG B 156 -11.18 -1.53 -34.75
N LYS B 157 -12.47 -1.39 -35.02
CA LYS B 157 -13.27 -0.32 -34.40
C LYS B 157 -13.12 -0.23 -32.89
N PRO B 158 -13.23 -1.32 -32.13
CA PRO B 158 -13.07 -1.18 -30.66
C PRO B 158 -11.79 -0.46 -30.30
N PHE B 159 -10.67 -0.97 -30.79
CA PHE B 159 -9.37 -0.48 -30.38
C PHE B 159 -9.04 0.89 -30.97
N SER B 160 -9.46 1.16 -32.20
CA SER B 160 -9.14 2.47 -32.78
C SER B 160 -9.90 3.60 -32.10
N ASP B 161 -11.03 3.31 -31.46
CA ASP B 161 -11.83 4.33 -30.79
C ASP B 161 -11.26 4.69 -29.43
N ILE B 162 -10.59 3.75 -28.76
CA ILE B 162 -10.08 4.04 -27.42
C ILE B 162 -8.84 4.91 -27.45
N ILE B 163 -8.10 4.92 -28.56
CA ILE B 163 -6.87 5.71 -28.62
C ILE B 163 -7.12 7.12 -29.09
N GLU B 164 -8.00 7.30 -30.08
CA GLU B 164 -8.14 8.61 -30.72
C GLU B 164 -8.50 9.72 -29.73
N PRO B 165 -9.43 9.54 -28.78
CA PRO B 165 -9.77 10.65 -27.87
C PRO B 165 -8.59 11.17 -27.06
N LYS B 166 -7.55 10.37 -26.83
CA LYS B 166 -6.38 10.87 -26.11
C LYS B 166 -5.63 11.89 -26.95
N PHE B 167 -5.57 11.69 -28.26
CA PHE B 167 -4.99 12.70 -29.14
C PHE B 167 -5.75 14.01 -29.00
N GLU B 168 -7.07 13.98 -29.15
CA GLU B 168 -7.86 15.20 -29.04
C GLU B 168 -7.59 15.91 -27.72
N PHE B 169 -7.43 15.15 -26.64
CA PHE B 169 -7.14 15.78 -25.35
C PHE B 169 -5.73 16.33 -25.31
N ALA B 170 -4.74 15.55 -25.78
CA ALA B 170 -3.34 15.94 -25.61
C ALA B 170 -2.99 17.19 -26.39
N VAL B 171 -3.52 17.36 -27.61
CA VAL B 171 -3.17 18.55 -28.38
C VAL B 171 -3.75 19.81 -27.74
N LYS B 172 -4.99 19.74 -27.25
CA LYS B 172 -5.56 20.86 -26.51
C LYS B 172 -4.83 21.07 -25.19
N PHE B 173 -4.29 20.01 -24.60
CA PHE B 173 -3.52 20.17 -23.38
C PHE B 173 -2.18 20.83 -23.67
N ASN B 174 -1.46 20.34 -24.67
CA ASN B 174 -0.13 20.89 -24.96
C ASN B 174 -0.17 22.36 -25.33
N ALA B 175 -1.34 22.88 -25.68
CA ALA B 175 -1.44 24.29 -25.96
C ALA B 175 -1.09 25.13 -24.73
N LEU B 176 -1.36 24.61 -23.52
CA LEU B 176 -1.01 25.34 -22.30
C LEU B 176 0.50 25.50 -22.11
N GLU B 177 1.32 24.76 -22.87
CA GLU B 177 2.78 24.93 -22.85
C GLU B 177 3.36 24.75 -21.44
N LEU B 178 2.89 23.72 -20.74
CA LEU B 178 3.45 23.42 -19.43
C LEU B 178 4.77 22.66 -19.59
N ASP B 179 5.65 22.81 -18.62
CA ASP B 179 6.92 22.12 -18.61
C ASP B 179 6.94 21.11 -17.46
N ASP B 180 8.07 20.44 -17.29
CA ASP B 180 8.11 19.32 -16.35
C ASP B 180 7.90 19.79 -14.92
N SER B 181 8.38 20.99 -14.58
CA SER B 181 8.20 21.49 -13.22
C SER B 181 6.73 21.76 -12.94
N ASP B 182 5.96 22.15 -13.96
CA ASP B 182 4.52 22.30 -13.79
C ASP B 182 3.85 20.93 -13.63
N LEU B 183 4.12 20.00 -14.58
CA LEU B 183 3.45 18.70 -14.54
C LEU B 183 3.70 17.99 -13.22
N ALA B 184 4.90 18.10 -12.67
CA ALA B 184 5.18 17.43 -11.40
C ALA B 184 4.12 17.77 -10.37
N LEU B 185 3.85 19.07 -10.19
CA LEU B 185 2.80 19.48 -9.26
C LEU B 185 1.42 19.04 -9.74
N PHE B 186 1.14 19.22 -11.03
CA PHE B 186 -0.14 18.84 -11.60
C PHE B 186 -0.44 17.36 -11.34
N ILE B 187 0.55 16.50 -11.60
CA ILE B 187 0.40 15.07 -11.35
C ILE B 187 0.25 14.81 -9.86
N ALA B 188 1.05 15.47 -9.05
CA ALA B 188 0.91 15.31 -7.61
C ALA B 188 -0.50 15.69 -7.16
N ALA B 189 -1.09 16.72 -7.77
CA ALA B 189 -2.44 17.13 -7.40
C ALA B 189 -3.49 16.14 -7.87
N ILE B 190 -3.22 15.39 -8.94
CA ILE B 190 -4.20 14.42 -9.40
C ILE B 190 -4.24 13.21 -8.49
N ILE B 191 -3.08 12.72 -8.07
CA ILE B 191 -3.05 11.56 -7.18
C ILE B 191 -3.75 11.89 -5.88
N LEU B 192 -3.34 12.97 -5.22
CA LEU B 192 -3.88 13.33 -3.90
C LEU B 192 -5.22 14.01 -4.06
N CYS B 193 -6.20 13.21 -4.43
CA CYS B 193 -7.56 13.67 -4.61
C CYS B 193 -8.39 13.18 -3.43
N GLY B 194 -9.12 14.10 -2.80
CA GLY B 194 -9.81 13.76 -1.57
C GLY B 194 -11.15 13.10 -1.77
N ASP B 195 -11.75 13.22 -2.95
CA ASP B 195 -13.04 12.58 -3.19
C ASP B 195 -12.90 11.25 -3.94
N ARG B 196 -11.82 10.49 -3.67
CA ARG B 196 -11.77 9.16 -4.27
C ARG B 196 -12.59 8.17 -3.44
N PRO B 197 -13.37 7.32 -4.10
CA PRO B 197 -14.23 6.37 -3.39
C PRO B 197 -13.46 5.51 -2.38
N GLY B 198 -13.96 5.49 -1.15
CA GLY B 198 -13.47 4.59 -0.12
C GLY B 198 -12.25 5.09 0.63
N LEU B 199 -11.86 6.34 0.42
CA LEU B 199 -10.76 6.90 1.20
C LEU B 199 -11.08 6.78 2.68
N MET B 200 -10.03 6.50 3.45
CA MET B 200 -10.16 6.34 4.88
C MET B 200 -10.02 7.66 5.64
N ASN B 201 -9.03 8.46 5.28
CA ASN B 201 -8.72 9.72 5.97
C ASN B 201 -8.83 10.87 4.96
N VAL B 202 -10.06 11.22 4.62
CA VAL B 202 -10.30 12.28 3.64
C VAL B 202 -9.69 13.60 4.05
N PRO B 203 -9.82 14.08 5.29
CA PRO B 203 -9.30 15.41 5.61
C PRO B 203 -7.80 15.52 5.41
N ARG B 204 -7.05 14.53 5.87
CA ARG B 204 -5.60 14.54 5.66
C ARG B 204 -5.28 14.72 4.17
N VAL B 205 -5.93 13.95 3.30
CA VAL B 205 -5.67 14.02 1.86
C VAL B 205 -6.09 15.35 1.27
N GLU B 206 -7.15 15.99 1.79
CA GLU B 206 -7.55 17.28 1.25
C GLU B 206 -6.57 18.39 1.65
N ALA B 207 -5.97 18.27 2.84
CA ALA B 207 -4.95 19.24 3.24
C ALA B 207 -3.71 19.13 2.37
N ILE B 208 -3.23 17.91 2.15
CA ILE B 208 -2.07 17.74 1.27
C ILE B 208 -2.37 18.28 -0.12
N GLN B 209 -3.53 17.92 -0.69
CA GLN B 209 -3.87 18.45 -2.00
C GLN B 209 -3.83 19.97 -2.00
N ASP B 210 -4.41 20.58 -0.96
CA ASP B 210 -4.51 22.04 -0.94
C ASP B 210 -3.14 22.69 -0.87
N THR B 211 -2.22 22.08 -0.13
CA THR B 211 -0.82 22.50 -0.19
C THR B 211 -0.28 22.42 -1.60
N ILE B 212 -0.49 21.29 -2.27
CA ILE B 212 0.04 21.11 -3.62
C ILE B 212 -0.53 22.16 -4.57
N LEU B 213 -1.85 22.36 -4.53
CA LEU B 213 -2.47 23.34 -5.42
C LEU B 213 -1.96 24.74 -5.13
N ARG B 214 -1.79 25.10 -3.85
CA ARG B 214 -1.20 26.39 -3.53
C ARG B 214 0.23 26.49 -4.04
N ALA B 215 0.99 25.40 -3.97
CA ALA B 215 2.31 25.40 -4.57
C ALA B 215 2.22 25.52 -6.08
N LEU B 216 1.27 24.80 -6.70
CA LEU B 216 1.08 24.92 -8.13
C LEU B 216 0.74 26.35 -8.53
N GLU B 217 -0.11 26.99 -7.75
CA GLU B 217 -0.53 28.36 -8.06
C GLU B 217 0.66 29.32 -8.00
N PHE B 218 1.49 29.19 -6.97
CA PHE B 218 2.67 30.04 -6.86
C PHE B 218 3.64 29.77 -8.00
N HIS B 219 3.93 28.49 -8.25
CA HIS B 219 4.87 28.14 -9.31
C HIS B 219 4.42 28.69 -10.66
N LEU B 220 3.11 28.67 -10.92
CA LEU B 220 2.61 29.17 -12.20
C LEU B 220 2.87 30.66 -12.35
N GLN B 221 2.72 31.44 -11.28
CA GLN B 221 2.99 32.88 -11.35
C GLN B 221 4.45 33.15 -11.65
N ALA B 222 5.35 32.36 -11.07
CA ALA B 222 6.78 32.57 -11.26
C ALA B 222 7.25 32.07 -12.63
N ASN B 223 6.72 30.94 -13.10
CA ASN B 223 7.22 30.32 -14.34
C ASN B 223 6.46 30.75 -15.59
N HIS B 224 5.23 31.24 -15.45
CA HIS B 224 4.41 31.67 -16.60
C HIS B 224 3.78 33.02 -16.29
N PRO B 225 4.60 34.05 -16.09
CA PRO B 225 4.06 35.32 -15.58
C PRO B 225 2.96 35.90 -16.44
N ASP B 226 3.07 35.79 -17.76
CA ASP B 226 2.13 36.43 -18.65
C ASP B 226 0.91 35.57 -18.97
N ALA B 227 0.84 34.34 -18.45
CA ALA B 227 -0.27 33.43 -18.73
C ALA B 227 -1.49 33.84 -17.93
N GLN B 228 -2.57 34.18 -18.64
CA GLN B 228 -3.74 34.81 -18.03
C GLN B 228 -4.37 33.96 -16.92
N TYR B 229 -5.23 33.01 -17.30
CA TYR B 229 -5.97 32.21 -16.33
C TYR B 229 -5.41 30.80 -16.25
N LEU B 230 -4.07 30.65 -16.21
CA LEU B 230 -3.47 29.33 -16.35
C LEU B 230 -3.91 28.38 -15.24
N PHE B 231 -3.96 28.88 -14.00
CA PHE B 231 -4.30 28.00 -12.88
C PHE B 231 -5.72 27.46 -12.99
N PRO B 232 -6.76 28.30 -13.05
CA PRO B 232 -8.11 27.73 -13.21
C PRO B 232 -8.27 26.90 -14.46
N LYS B 233 -7.45 27.12 -15.48
CA LYS B 233 -7.51 26.27 -16.66
C LYS B 233 -7.06 24.85 -16.34
N LEU B 234 -6.03 24.73 -15.48
CA LEU B 234 -5.56 23.42 -15.07
C LEU B 234 -6.55 22.72 -14.17
N LEU B 235 -7.19 23.45 -13.27
CA LEU B 235 -8.25 22.85 -12.46
C LEU B 235 -9.32 22.26 -13.35
N GLN B 236 -9.64 22.95 -14.46
CA GLN B 236 -10.61 22.42 -15.40
C GLN B 236 -10.07 21.18 -16.12
N LYS B 237 -8.80 21.21 -16.54
CA LYS B 237 -8.21 20.03 -17.18
C LYS B 237 -8.27 18.82 -16.24
N MET B 238 -8.09 19.04 -14.94
CA MET B 238 -8.21 17.93 -14.00
C MET B 238 -9.58 17.30 -14.09
N ALA B 239 -10.63 18.13 -14.08
CA ALA B 239 -11.98 17.62 -14.22
C ALA B 239 -12.16 16.94 -15.58
N ASP B 240 -11.57 17.52 -16.64
CA ASP B 240 -11.64 16.91 -17.96
C ASP B 240 -11.02 15.52 -17.98
N LEU B 241 -9.89 15.37 -17.28
CA LEU B 241 -9.27 14.05 -17.19
C LEU B 241 -10.17 13.06 -16.47
N ARG B 242 -10.90 13.54 -15.45
CA ARG B 242 -11.83 12.66 -14.77
C ARG B 242 -12.88 12.12 -15.73
N GLN B 243 -13.30 12.95 -16.69
CA GLN B 243 -14.28 12.49 -17.68
C GLN B 243 -13.64 11.58 -18.72
N LEU B 244 -12.46 11.95 -19.21
CA LEU B 244 -11.78 11.12 -20.20
C LEU B 244 -11.58 9.71 -19.66
N VAL B 245 -11.19 9.59 -18.39
CA VAL B 245 -10.99 8.27 -17.80
C VAL B 245 -12.31 7.53 -17.69
N THR B 246 -13.40 8.23 -17.37
CA THR B 246 -14.70 7.57 -17.34
C THR B 246 -15.03 6.96 -18.71
N GLU B 247 -14.80 7.73 -19.78
CA GLU B 247 -15.07 7.22 -21.11
C GLU B 247 -14.11 6.10 -21.48
N HIS B 248 -12.84 6.24 -21.09
CA HIS B 248 -11.89 5.16 -21.31
C HIS B 248 -12.33 3.88 -20.64
N ALA B 249 -12.79 3.97 -19.39
CA ALA B 249 -13.20 2.77 -18.66
C ALA B 249 -14.43 2.13 -19.30
N GLN B 250 -15.34 2.93 -19.84
CA GLN B 250 -16.48 2.32 -20.51
C GLN B 250 -16.03 1.57 -21.75
N MET B 251 -15.14 2.17 -22.53
CA MET B 251 -14.62 1.46 -23.69
C MET B 251 -13.84 0.22 -23.28
N MET B 252 -13.05 0.30 -22.21
CA MET B 252 -12.39 -0.90 -21.71
C MET B 252 -13.42 -1.96 -21.33
N GLN B 253 -14.51 -1.53 -20.70
CA GLN B 253 -15.56 -2.46 -20.31
C GLN B 253 -16.14 -3.17 -21.53
N ARG B 254 -16.43 -2.42 -22.58
CA ARG B 254 -16.95 -3.02 -23.80
C ARG B 254 -15.93 -3.94 -24.45
N ILE B 255 -14.63 -3.62 -24.34
CA ILE B 255 -13.62 -4.55 -24.85
C ILE B 255 -13.62 -5.84 -24.05
N LYS B 256 -13.91 -5.77 -22.74
CA LYS B 256 -13.94 -6.99 -21.96
C LYS B 256 -15.17 -7.84 -22.29
N LYS B 257 -16.26 -7.19 -22.69
CA LYS B 257 -17.46 -7.93 -23.04
C LYS B 257 -17.36 -8.52 -24.44
N THR B 258 -16.88 -7.74 -25.41
CA THR B 258 -16.98 -8.16 -26.80
C THR B 258 -15.71 -8.79 -27.36
N GLU B 259 -14.55 -8.57 -26.75
CA GLU B 259 -13.30 -9.21 -27.20
C GLU B 259 -12.92 -10.29 -26.19
N THR B 260 -13.72 -11.36 -26.17
CA THR B 260 -13.54 -12.40 -25.16
C THR B 260 -12.20 -13.12 -25.26
N GLU B 261 -11.51 -13.01 -26.39
CA GLU B 261 -10.23 -13.69 -26.57
C GLU B 261 -9.03 -12.83 -26.20
N THR B 262 -9.26 -11.61 -25.73
CA THR B 262 -8.18 -10.71 -25.36
C THR B 262 -8.01 -10.68 -23.84
N SER B 263 -6.76 -10.62 -23.41
CA SER B 263 -6.39 -10.66 -22.00
C SER B 263 -6.32 -9.25 -21.42
N LEU B 264 -6.35 -9.18 -20.09
CA LEU B 264 -6.10 -7.93 -19.37
C LEU B 264 -5.09 -8.21 -18.26
N HIS B 265 -3.97 -7.51 -18.31
CA HIS B 265 -2.90 -7.73 -17.33
C HIS B 265 -3.45 -7.61 -15.90
N PRO B 266 -2.98 -8.45 -14.98
CA PRO B 266 -3.62 -8.53 -13.65
C PRO B 266 -3.62 -7.22 -12.88
N LEU B 267 -2.55 -6.44 -12.92
CA LEU B 267 -2.54 -5.15 -12.25
C LEU B 267 -3.67 -4.27 -12.77
N LEU B 268 -3.83 -4.23 -14.10
CA LEU B 268 -4.92 -3.46 -14.68
C LEU B 268 -6.27 -4.02 -14.28
N GLN B 269 -6.36 -5.34 -14.14
CA GLN B 269 -7.60 -5.93 -13.65
C GLN B 269 -7.98 -5.37 -12.29
N GLU B 270 -7.03 -5.33 -11.36
CA GLU B 270 -7.33 -4.83 -10.01
C GLU B 270 -7.74 -3.36 -10.03
N ILE B 271 -7.23 -2.59 -10.99
CA ILE B 271 -7.56 -1.18 -11.02
C ILE B 271 -9.00 -0.98 -11.47
N TYR B 272 -9.42 -1.70 -12.51
CA TYR B 272 -10.73 -1.46 -13.10
C TYR B 272 -11.87 -2.14 -12.37
N LYS B 273 -11.59 -3.00 -11.38
CA LYS B 273 -12.63 -3.69 -10.65
C LYS B 273 -13.57 -2.71 -9.96
N ASP B 274 -14.74 -2.47 -10.56
CA ASP B 274 -15.73 -1.54 -10.02
C ASP B 274 -15.10 -0.27 -9.46
#